data_1RW8
#
_entry.id   1RW8
#
_cell.length_a   41.961
_cell.length_b   84.961
_cell.length_c   84.085
_cell.angle_alpha   90.0
_cell.angle_beta   90.0
_cell.angle_gamma   90.0
#
_symmetry.space_group_name_H-M   'P 21 21 21'
#
loop_
_entity.id
_entity.type
_entity.pdbx_description
1 polymer 'TGF-beta receptor type I'
2 non-polymer 3-(4-FLUOROPHENYL)-2-(6-METHYLPYRIDIN-2-YL)-5,6-DIHYDRO-4H-PYRROLO[1,2-B]PYRAZOLE
3 water water
#
_entity_poly.entity_id   1
_entity_poly.type   'polypeptide(L)'
_entity_poly.pdbx_seq_one_letter_code
;TIARTIVLQESIGKGRFGEVWRGKWRGEEVAVKIFSSREERSWFREAEIYQTVMLRHENILGFIAADNKDNGTWTQLWLV
SDYHEHGSLFDYLNRYTVTVEGMIKLALSTASGLAHLHMEIVGTQGKPAIAHRDLKSKNILVKKNGTCCIADLGLAVRHD
SATDTIDIAPNHRVGTKRYMAPEVLDDSINMKHFESFKRADIYAMGLVFWEIARRCSIGGIHEDYQLPYYDLVPSDPSVE
EMRKVVCEQKLRPNIPNRWQSCEALRVMAKIMRECWYANGAARLTALRIKKTLSQLSQQEG
;
_entity_poly.pdbx_strand_id   A
#
loop_
_chem_comp.id
_chem_comp.type
_chem_comp.name
_chem_comp.formula
580 non-polymer 3-(4-FLUOROPHENYL)-2-(6-METHYLPYRIDIN-2-YL)-5,6-DIHYDRO-4H-PYRROLO[1,2-B]PYRAZOLE 'C18 H16 F N3'
#
# COMPACT_ATOMS: atom_id res chain seq x y z
N THR A 1 2.43 -0.71 -29.75
CA THR A 1 1.03 -0.38 -30.17
C THR A 1 0.31 0.37 -29.07
N ILE A 2 0.51 -0.07 -27.83
CA ILE A 2 -0.12 0.53 -26.67
C ILE A 2 0.33 1.96 -26.35
N ALA A 3 1.57 2.12 -25.92
CA ALA A 3 2.11 3.44 -25.58
C ALA A 3 2.04 4.45 -26.74
N ARG A 4 2.28 3.99 -27.96
CA ARG A 4 2.27 4.85 -29.14
C ARG A 4 0.90 5.49 -29.43
N THR A 5 -0.16 4.91 -28.88
CA THR A 5 -1.49 5.43 -29.10
C THR A 5 -2.04 6.17 -27.89
N ILE A 6 -1.21 6.31 -26.85
CA ILE A 6 -1.63 7.02 -25.65
C ILE A 6 -1.17 8.48 -25.67
N VAL A 7 -2.08 9.39 -25.36
CA VAL A 7 -1.78 10.82 -25.33
C VAL A 7 -1.80 11.28 -23.86
N LEU A 8 -0.68 11.84 -23.39
CA LEU A 8 -0.61 12.30 -21.99
C LEU A 8 -1.30 13.65 -21.85
N GLN A 9 -2.04 13.81 -20.76
CA GLN A 9 -2.78 15.04 -20.49
C GLN A 9 -2.35 15.87 -19.27
N GLU A 10 -1.94 15.22 -18.19
CA GLU A 10 -1.51 15.97 -17.01
C GLU A 10 -0.77 15.13 -15.96
N SER A 11 0.12 15.78 -15.20
CA SER A 11 0.92 15.16 -14.13
C SER A 11 0.12 15.02 -12.86
N ILE A 12 -0.16 13.79 -12.51
CA ILE A 12 -0.94 13.49 -11.33
C ILE A 12 -0.13 12.60 -10.40
N GLY A 13 1.18 12.60 -10.61
CA GLY A 13 2.11 11.75 -9.87
C GLY A 13 3.08 12.43 -8.93
N LYS A 14 3.88 11.61 -8.26
CA LYS A 14 4.82 12.05 -7.23
C LYS A 14 6.20 12.52 -7.72
N GLY A 15 7.19 11.64 -7.62
CA GLY A 15 8.54 12.04 -8.05
C GLY A 15 9.72 11.23 -7.48
N ARG A 16 9.48 10.29 -6.56
CA ARG A 16 10.57 9.50 -5.94
C ARG A 16 11.15 8.43 -6.86
N PHE A 17 10.30 7.61 -7.46
CA PHE A 17 10.79 6.55 -8.33
C PHE A 17 10.16 6.57 -9.74
N GLY A 18 10.12 7.73 -10.39
CA GLY A 18 9.50 7.81 -11.70
C GLY A 18 8.46 8.91 -11.69
N GLU A 19 7.63 9.02 -12.72
CA GLU A 19 6.59 10.05 -12.72
C GLU A 19 5.27 9.59 -13.32
N VAL A 20 4.15 10.00 -12.72
CA VAL A 20 2.85 9.56 -13.18
C VAL A 20 2.11 10.62 -14.00
N TRP A 21 1.34 10.14 -14.97
CA TRP A 21 0.58 11.00 -15.85
C TRP A 21 -0.81 10.46 -16.14
N ARG A 22 -1.76 11.37 -16.30
CA ARG A 22 -3.12 10.99 -16.66
C ARG A 22 -3.11 10.91 -18.20
N GLY A 23 -3.60 9.82 -18.77
CA GLY A 23 -3.57 9.71 -20.22
C GLY A 23 -4.87 9.29 -20.89
N LYS A 24 -4.89 9.40 -22.21
CA LYS A 24 -6.05 9.05 -23.00
C LYS A 24 -5.68 7.98 -24.03
N TRP A 25 -6.37 6.84 -23.98
CA TRP A 25 -6.15 5.70 -24.87
C TRP A 25 -7.50 5.24 -25.43
N ARG A 26 -7.69 5.40 -26.74
CA ARG A 26 -8.94 4.98 -27.37
C ARG A 26 -10.18 5.50 -26.61
N GLY A 27 -10.15 6.76 -26.20
CA GLY A 27 -11.28 7.34 -25.51
C GLY A 27 -11.42 7.08 -24.01
N GLU A 28 -10.51 6.28 -23.44
CA GLU A 28 -10.57 6.00 -22.02
C GLU A 28 -9.43 6.68 -21.29
N GLU A 29 -9.63 6.94 -20.00
CA GLU A 29 -8.60 7.57 -19.19
C GLU A 29 -7.70 6.45 -18.67
N VAL A 30 -6.41 6.72 -18.60
CA VAL A 30 -5.46 5.74 -18.13
C VAL A 30 -4.34 6.45 -17.39
N ALA A 31 -3.66 5.75 -16.48
CA ALA A 31 -2.54 6.33 -15.76
C ALA A 31 -1.27 5.76 -16.30
N VAL A 32 -0.25 6.60 -16.43
CA VAL A 32 1.03 6.16 -16.97
C VAL A 32 2.18 6.63 -16.07
N LYS A 33 3.05 5.69 -15.71
CA LYS A 33 4.26 5.93 -14.93
C LYS A 33 5.47 5.80 -15.88
N ILE A 34 6.06 6.95 -16.16
CA ILE A 34 7.19 7.03 -17.07
C ILE A 34 8.52 7.06 -16.35
N PHE A 35 9.36 6.10 -16.69
CA PHE A 35 10.70 6.00 -16.11
C PHE A 35 11.69 6.43 -17.18
N SER A 36 12.76 7.10 -16.80
CA SER A 36 13.76 7.48 -17.78
C SER A 36 14.53 6.22 -18.07
N SER A 37 15.31 6.24 -19.14
CA SER A 37 16.09 5.06 -19.49
C SER A 37 17.06 4.64 -18.38
N ARG A 38 17.66 5.62 -17.68
CA ARG A 38 18.62 5.28 -16.63
C ARG A 38 17.95 4.59 -15.45
N GLU A 39 16.69 4.92 -15.23
CA GLU A 39 15.88 4.36 -14.14
C GLU A 39 15.24 3.07 -14.61
N GLU A 40 15.98 2.33 -15.43
CA GLU A 40 15.48 1.11 -16.04
C GLU A 40 15.29 -0.12 -15.16
N ARG A 41 16.08 -0.28 -14.11
CA ARG A 41 15.89 -1.48 -13.29
C ARG A 41 14.67 -1.47 -12.39
N SER A 42 14.27 -0.28 -11.95
CA SER A 42 13.07 -0.20 -11.10
C SER A 42 11.84 -0.40 -11.98
N TRP A 43 11.99 -0.05 -13.26
CA TRP A 43 10.90 -0.18 -14.22
C TRP A 43 10.60 -1.63 -14.51
N PHE A 44 11.65 -2.38 -14.85
CA PHE A 44 11.53 -3.79 -15.18
C PHE A 44 10.96 -4.59 -14.02
N ARG A 45 11.54 -4.36 -12.85
CA ARG A 45 11.13 -5.04 -11.64
C ARG A 45 9.66 -4.80 -11.31
N GLU A 46 9.18 -3.57 -11.48
CA GLU A 46 7.79 -3.29 -11.17
C GLU A 46 6.90 -3.97 -12.19
N ALA A 47 7.36 -4.01 -13.44
CA ALA A 47 6.63 -4.66 -14.53
C ALA A 47 6.61 -6.15 -14.26
N GLU A 48 7.73 -6.67 -13.75
CA GLU A 48 7.91 -8.08 -13.43
C GLU A 48 6.93 -8.57 -12.35
N ILE A 49 6.73 -7.73 -11.34
CA ILE A 49 5.81 -8.04 -10.25
C ILE A 49 4.36 -8.09 -10.73
N TYR A 50 3.95 -7.03 -11.42
CA TYR A 50 2.59 -6.95 -11.94
C TYR A 50 2.29 -8.03 -13.00
N GLN A 51 3.35 -8.59 -13.59
CA GLN A 51 3.23 -9.58 -14.66
C GLN A 51 3.47 -11.04 -14.34
N THR A 52 4.71 -11.35 -13.98
CA THR A 52 5.13 -12.71 -13.70
C THR A 52 4.19 -13.41 -12.72
N VAL A 53 3.18 -12.67 -12.27
CA VAL A 53 2.30 -13.25 -11.29
C VAL A 53 0.82 -13.10 -11.58
N MET A 54 0.03 -14.05 -11.07
CA MET A 54 -1.44 -14.06 -11.21
C MET A 54 -2.04 -13.07 -10.19
N LEU A 55 -1.58 -11.83 -10.27
CA LEU A 55 -2.01 -10.75 -9.39
C LEU A 55 -3.26 -9.99 -9.79
N ARG A 56 -4.22 -10.64 -10.44
CA ARG A 56 -5.43 -9.92 -10.79
C ARG A 56 -6.33 -9.92 -9.58
N HIS A 57 -6.68 -8.73 -9.12
CA HIS A 57 -7.56 -8.58 -7.99
C HIS A 57 -8.06 -7.15 -8.00
N GLU A 58 -9.33 -6.97 -7.68
CA GLU A 58 -9.95 -5.65 -7.65
C GLU A 58 -9.33 -4.71 -6.62
N ASN A 59 -8.59 -5.27 -5.66
CA ASN A 59 -7.98 -4.43 -4.63
C ASN A 59 -6.47 -4.25 -4.85
N ILE A 60 -6.05 -4.48 -6.08
CA ILE A 60 -4.66 -4.31 -6.49
C ILE A 60 -4.81 -3.49 -7.77
N LEU A 61 -3.99 -2.46 -7.95
CA LEU A 61 -4.06 -1.61 -9.15
C LEU A 61 -4.09 -2.40 -10.45
N GLY A 62 -5.14 -2.17 -11.25
CA GLY A 62 -5.28 -2.88 -12.51
C GLY A 62 -4.17 -2.51 -13.47
N PHE A 63 -3.19 -3.39 -13.58
CA PHE A 63 -2.04 -3.19 -14.47
C PHE A 63 -2.48 -3.40 -15.91
N ILE A 64 -2.01 -2.54 -16.80
CA ILE A 64 -2.40 -2.70 -18.20
C ILE A 64 -1.24 -3.23 -19.03
N ALA A 65 -0.08 -2.59 -18.94
CA ALA A 65 1.06 -3.01 -19.76
C ALA A 65 2.35 -2.29 -19.42
N ALA A 66 3.43 -2.81 -20.00
CA ALA A 66 4.78 -2.26 -19.89
C ALA A 66 5.16 -2.07 -21.36
N ASP A 67 5.76 -0.94 -21.70
CA ASP A 67 6.11 -0.71 -23.08
C ASP A 67 7.39 0.10 -23.21
N ASN A 68 8.42 -0.47 -23.79
CA ASN A 68 9.67 0.26 -24.02
C ASN A 68 9.38 1.23 -25.12
N LYS A 69 8.53 2.23 -24.83
CA LYS A 69 8.20 3.25 -25.82
C LYS A 69 9.44 3.97 -26.26
N ASP A 70 10.12 3.33 -27.22
CA ASP A 70 11.40 3.84 -27.69
C ASP A 70 11.34 5.03 -28.60
N ASN A 71 12.05 6.04 -28.19
CA ASN A 71 12.20 7.24 -28.98
C ASN A 71 13.62 7.16 -29.59
N GLY A 72 13.79 7.59 -30.84
CA GLY A 72 15.13 7.61 -31.45
C GLY A 72 16.04 8.64 -30.78
N THR A 73 15.48 9.51 -29.95
CA THR A 73 16.26 10.51 -29.25
C THR A 73 16.60 9.98 -27.85
N TRP A 74 15.57 9.58 -27.11
CA TRP A 74 15.75 8.98 -25.78
C TRP A 74 14.55 8.04 -25.56
N THR A 75 14.82 6.74 -25.44
CA THR A 75 13.77 5.74 -25.30
C THR A 75 12.55 6.10 -24.44
N GLN A 76 12.59 5.88 -23.13
CA GLN A 76 11.45 6.19 -22.23
C GLN A 76 10.61 4.93 -21.93
N LEU A 77 10.61 4.52 -20.66
CA LEU A 77 9.95 3.31 -20.20
C LEU A 77 8.59 3.59 -19.56
N TRP A 78 7.55 3.04 -20.17
CA TRP A 78 6.19 3.26 -19.72
C TRP A 78 5.55 2.10 -18.97
N LEU A 79 4.85 2.46 -17.90
CA LEU A 79 4.10 1.52 -17.11
C LEU A 79 2.69 2.08 -17.19
N VAL A 80 1.77 1.28 -17.71
CA VAL A 80 0.38 1.75 -17.87
C VAL A 80 -0.61 1.01 -16.97
N SER A 81 -1.59 1.74 -16.43
CA SER A 81 -2.60 1.16 -15.54
C SER A 81 -3.93 1.88 -15.59
N ASP A 82 -4.88 1.37 -14.81
CA ASP A 82 -6.19 1.99 -14.74
C ASP A 82 -5.96 3.33 -14.08
N TYR A 83 -6.81 4.29 -14.42
CA TYR A 83 -6.75 5.63 -13.90
C TYR A 83 -7.80 5.79 -12.81
N HIS A 84 -7.41 6.41 -11.70
CA HIS A 84 -8.32 6.64 -10.58
C HIS A 84 -8.38 8.12 -10.22
N GLU A 85 -9.45 8.77 -10.65
CA GLU A 85 -9.67 10.20 -10.41
C GLU A 85 -9.49 10.65 -8.96
N HIS A 86 -9.92 9.84 -8.01
CA HIS A 86 -9.79 10.21 -6.61
C HIS A 86 -8.34 10.35 -6.17
N GLY A 87 -7.43 9.64 -6.84
CA GLY A 87 -6.03 9.69 -6.47
C GLY A 87 -5.72 8.81 -5.26
N SER A 88 -4.67 9.15 -4.51
CA SER A 88 -4.27 8.36 -3.34
C SER A 88 -5.23 8.39 -2.16
N LEU A 89 -5.17 7.35 -1.35
CA LEU A 89 -6.00 7.28 -0.15
C LEU A 89 -5.57 8.48 0.66
N PHE A 90 -4.30 8.80 0.57
CA PHE A 90 -3.76 9.95 1.27
C PHE A 90 -4.49 11.23 0.83
N ASP A 91 -4.61 11.45 -0.49
CA ASP A 91 -5.31 12.62 -1.02
C ASP A 91 -6.76 12.64 -0.56
N TYR A 92 -7.37 11.47 -0.62
CA TYR A 92 -8.77 11.26 -0.25
C TYR A 92 -9.06 11.65 1.21
N LEU A 93 -8.29 11.09 2.13
CA LEU A 93 -8.50 11.39 3.55
C LEU A 93 -8.23 12.85 3.87
N ASN A 94 -7.45 13.53 3.04
CA ASN A 94 -7.18 14.95 3.28
C ASN A 94 -8.34 15.83 2.83
N ARG A 95 -9.05 15.38 1.80
CA ARG A 95 -10.17 16.13 1.23
C ARG A 95 -11.53 15.80 1.83
N TYR A 96 -11.77 14.53 2.11
CA TYR A 96 -13.07 14.16 2.64
C TYR A 96 -13.01 13.49 4.01
N THR A 97 -14.12 13.60 4.73
CA THR A 97 -14.30 12.95 6.02
C THR A 97 -15.09 11.72 5.56
N VAL A 98 -15.06 10.65 6.34
CA VAL A 98 -15.76 9.46 5.91
C VAL A 98 -16.86 9.01 6.88
N THR A 99 -17.75 8.16 6.38
CA THR A 99 -18.85 7.62 7.14
C THR A 99 -18.36 6.33 7.79
N VAL A 100 -19.17 5.74 8.64
CA VAL A 100 -18.77 4.48 9.25
C VAL A 100 -18.69 3.46 8.11
N GLU A 101 -19.63 3.57 7.18
CA GLU A 101 -19.67 2.65 6.04
C GLU A 101 -18.45 2.87 5.14
N GLY A 102 -18.19 4.13 4.80
CA GLY A 102 -17.06 4.45 3.97
C GLY A 102 -15.74 3.99 4.56
N MET A 103 -15.64 3.96 5.88
CA MET A 103 -14.43 3.52 6.56
C MET A 103 -14.23 2.01 6.44
N ILE A 104 -15.27 1.24 6.66
CA ILE A 104 -15.17 -0.22 6.57
C ILE A 104 -14.80 -0.61 5.14
N LYS A 105 -15.42 0.07 4.17
CA LYS A 105 -15.18 -0.17 2.75
C LYS A 105 -13.70 0.03 2.41
N LEU A 106 -13.14 1.13 2.93
CA LEU A 106 -11.73 1.44 2.67
C LEU A 106 -10.77 0.46 3.32
N ALA A 107 -11.04 0.15 4.58
CA ALA A 107 -10.21 -0.76 5.35
C ALA A 107 -10.29 -2.20 4.89
N LEU A 108 -11.50 -2.66 4.58
CA LEU A 108 -11.69 -4.03 4.16
C LEU A 108 -11.05 -4.31 2.80
N SER A 109 -11.23 -3.40 1.85
CA SER A 109 -10.66 -3.58 0.51
C SER A 109 -9.14 -3.49 0.52
N THR A 110 -8.59 -2.70 1.42
CA THR A 110 -7.14 -2.59 1.53
C THR A 110 -6.64 -3.95 2.04
N ALA A 111 -7.30 -4.46 3.07
CA ALA A 111 -6.93 -5.74 3.66
C ALA A 111 -7.06 -6.93 2.71
N SER A 112 -8.06 -6.90 1.84
CA SER A 112 -8.25 -7.99 0.88
C SER A 112 -7.15 -7.95 -0.15
N GLY A 113 -6.75 -6.73 -0.52
CA GLY A 113 -5.69 -6.57 -1.51
C GLY A 113 -4.37 -7.10 -1.01
N LEU A 114 -4.07 -6.82 0.26
CA LEU A 114 -2.83 -7.29 0.84
C LEU A 114 -2.97 -8.79 1.05
N ALA A 115 -4.15 -9.21 1.51
CA ALA A 115 -4.40 -10.63 1.72
C ALA A 115 -4.16 -11.37 0.42
N HIS A 116 -4.64 -10.79 -0.68
CA HIS A 116 -4.43 -11.43 -1.97
C HIS A 116 -2.94 -11.46 -2.28
N LEU A 117 -2.21 -10.41 -1.90
CA LEU A 117 -0.76 -10.38 -2.15
C LEU A 117 -0.08 -11.47 -1.35
N HIS A 118 -0.22 -11.40 -0.03
CA HIS A 118 0.38 -12.38 0.86
C HIS A 118 0.06 -13.84 0.58
N MET A 119 -1.12 -14.11 0.00
CA MET A 119 -1.59 -15.46 -0.29
C MET A 119 -0.88 -16.21 -1.41
N GLU A 120 -0.31 -17.35 -1.06
CA GLU A 120 0.38 -18.19 -2.03
C GLU A 120 -0.65 -19.14 -2.67
N ILE A 121 -0.33 -19.61 -3.87
CA ILE A 121 -1.17 -20.57 -4.58
C ILE A 121 -0.21 -21.48 -5.32
N VAL A 122 0.20 -22.54 -4.63
CA VAL A 122 1.15 -23.50 -5.20
C VAL A 122 0.53 -24.31 -6.35
N GLY A 123 1.41 -24.91 -7.15
CA GLY A 123 0.95 -25.73 -8.26
C GLY A 123 1.20 -25.25 -9.68
N THR A 124 0.38 -25.77 -10.61
CA THR A 124 0.47 -25.43 -12.03
C THR A 124 0.52 -23.92 -12.24
N GLN A 125 -0.67 -23.34 -12.38
CA GLN A 125 -0.82 -21.92 -12.60
C GLN A 125 -1.06 -21.16 -11.29
N GLY A 126 -0.13 -21.31 -10.36
CA GLY A 126 -0.28 -20.65 -9.08
C GLY A 126 0.07 -19.18 -9.06
N LYS A 127 0.33 -18.72 -7.85
CA LYS A 127 0.66 -17.34 -7.60
C LYS A 127 1.52 -17.36 -6.36
N PRO A 128 2.75 -16.85 -6.46
CA PRO A 128 3.60 -16.87 -5.28
C PRO A 128 3.10 -15.85 -4.28
N ALA A 129 3.42 -16.08 -3.01
CA ALA A 129 3.04 -15.14 -1.97
C ALA A 129 3.95 -13.95 -2.24
N ILE A 130 3.45 -12.75 -1.99
CA ILE A 130 4.25 -11.55 -2.24
C ILE A 130 4.12 -10.55 -1.10
N ALA A 131 5.23 -9.91 -0.73
CA ALA A 131 5.21 -8.90 0.33
C ALA A 131 5.44 -7.53 -0.33
N HIS A 132 4.69 -6.53 0.12
CA HIS A 132 4.80 -5.18 -0.45
C HIS A 132 6.12 -4.45 -0.15
N ARG A 133 6.38 -4.24 1.15
CA ARG A 133 7.56 -3.55 1.65
C ARG A 133 7.50 -2.02 1.57
N ASP A 134 6.37 -1.46 1.15
CA ASP A 134 6.23 0.00 1.10
C ASP A 134 4.73 0.44 1.08
N LEU A 135 3.93 -0.20 1.92
CA LEU A 135 2.52 0.09 2.07
C LEU A 135 2.39 1.35 2.90
N LYS A 136 1.57 2.25 2.39
CA LYS A 136 1.32 3.53 3.02
C LYS A 136 0.12 4.13 2.28
N SER A 137 -0.46 5.18 2.83
CA SER A 137 -1.61 5.87 2.26
C SER A 137 -1.38 6.46 0.87
N LYS A 138 -0.14 6.80 0.55
CA LYS A 138 0.15 7.39 -0.76
C LYS A 138 0.28 6.32 -1.85
N ASN A 139 0.43 5.07 -1.43
CA ASN A 139 0.55 3.95 -2.37
C ASN A 139 -0.74 3.16 -2.51
N ILE A 140 -1.83 3.71 -1.99
CA ILE A 140 -3.14 3.10 -2.08
C ILE A 140 -4.03 4.11 -2.79
N LEU A 141 -4.79 3.64 -3.77
CA LEU A 141 -5.66 4.53 -4.54
C LEU A 141 -7.12 4.16 -4.27
N VAL A 142 -7.97 5.17 -4.15
CA VAL A 142 -9.38 4.94 -3.90
C VAL A 142 -10.19 5.01 -5.20
N LYS A 143 -10.90 3.93 -5.52
CA LYS A 143 -11.68 3.88 -6.73
C LYS A 143 -12.95 4.71 -6.61
N LYS A 144 -13.65 4.85 -7.73
CA LYS A 144 -14.88 5.63 -7.77
C LYS A 144 -15.97 5.01 -6.90
N ASN A 145 -15.93 3.70 -6.69
CA ASN A 145 -16.95 3.04 -5.88
C ASN A 145 -16.66 3.02 -4.38
N GLY A 146 -15.70 3.84 -3.95
CA GLY A 146 -15.38 3.91 -2.54
C GLY A 146 -14.49 2.81 -1.99
N THR A 147 -13.88 2.01 -2.87
CA THR A 147 -12.99 0.95 -2.42
C THR A 147 -11.55 1.29 -2.80
N CYS A 148 -10.58 0.57 -2.24
CA CYS A 148 -9.18 0.82 -2.54
C CYS A 148 -8.53 -0.31 -3.31
N CYS A 149 -7.38 0.01 -3.92
CA CYS A 149 -6.56 -0.96 -4.64
C CYS A 149 -5.10 -0.61 -4.35
N ILE A 150 -4.29 -1.61 -4.01
CA ILE A 150 -2.88 -1.38 -3.68
C ILE A 150 -2.03 -1.06 -4.92
N ALA A 151 -1.17 -0.05 -4.80
CA ALA A 151 -0.28 0.34 -5.90
C ALA A 151 1.19 0.31 -5.47
N ASP A 152 2.06 0.72 -6.39
CA ASP A 152 3.50 0.76 -6.17
C ASP A 152 4.06 -0.57 -5.67
N LEU A 153 4.22 -1.52 -6.59
CA LEU A 153 4.74 -2.84 -6.25
C LEU A 153 6.22 -2.97 -6.63
N GLY A 154 6.86 -1.82 -6.86
CA GLY A 154 8.26 -1.80 -7.24
C GLY A 154 9.26 -2.37 -6.23
N LEU A 155 8.92 -2.37 -4.95
CA LEU A 155 9.81 -2.91 -3.92
C LEU A 155 9.32 -4.21 -3.32
N ALA A 156 8.40 -4.89 -4.00
CA ALA A 156 7.87 -6.14 -3.47
C ALA A 156 8.84 -7.29 -3.60
N VAL A 157 8.67 -8.28 -2.74
CA VAL A 157 9.52 -9.47 -2.77
C VAL A 157 8.57 -10.61 -2.98
N ARG A 158 9.00 -11.58 -3.75
CA ARG A 158 8.16 -12.74 -4.04
C ARG A 158 8.76 -13.97 -3.41
N HIS A 159 7.90 -14.79 -2.81
CA HIS A 159 8.39 -15.99 -2.16
C HIS A 159 8.30 -17.25 -3.00
N ASP A 160 9.43 -17.93 -3.12
CA ASP A 160 9.50 -19.17 -3.85
C ASP A 160 9.33 -20.27 -2.79
N SER A 161 8.10 -20.74 -2.60
CA SER A 161 7.82 -21.76 -1.61
C SER A 161 8.49 -23.08 -1.96
N ALA A 162 8.85 -23.24 -3.24
CA ALA A 162 9.50 -24.46 -3.69
C ALA A 162 10.87 -24.57 -3.02
N THR A 163 11.75 -23.62 -3.33
CA THR A 163 13.10 -23.61 -2.76
C THR A 163 13.16 -22.81 -1.47
N ASP A 164 12.03 -22.19 -1.11
CA ASP A 164 11.91 -21.36 0.10
C ASP A 164 12.81 -20.13 0.02
N THR A 165 13.19 -19.74 -1.19
CA THR A 165 14.04 -18.58 -1.37
C THR A 165 13.20 -17.34 -1.66
N ILE A 166 13.84 -16.19 -1.68
CA ILE A 166 13.15 -14.95 -1.95
C ILE A 166 13.73 -14.31 -3.19
N ASP A 167 12.86 -14.00 -4.14
CA ASP A 167 13.26 -13.35 -5.38
C ASP A 167 13.45 -11.87 -5.04
N ILE A 168 14.68 -11.51 -4.67
CA ILE A 168 15.03 -10.15 -4.29
C ILE A 168 14.74 -9.15 -5.40
N ALA A 169 14.60 -7.88 -5.01
CA ALA A 169 14.34 -6.81 -5.97
C ALA A 169 15.61 -6.02 -6.27
N PRO A 170 15.83 -5.67 -7.56
CA PRO A 170 17.00 -4.91 -8.04
C PRO A 170 16.79 -3.40 -7.97
N ASN A 171 17.35 -2.78 -6.91
CA ASN A 171 17.21 -1.33 -6.73
C ASN A 171 18.15 -0.76 -5.65
N HIS A 172 18.15 0.56 -5.50
CA HIS A 172 19.00 1.22 -4.51
C HIS A 172 18.21 2.18 -3.61
N ARG A 173 17.28 1.63 -2.84
CA ARG A 173 16.45 2.42 -1.93
C ARG A 173 15.37 1.54 -1.27
N VAL A 174 15.30 1.58 0.06
CA VAL A 174 14.31 0.79 0.80
C VAL A 174 12.97 1.55 0.82
N GLY A 175 12.16 1.34 1.84
CA GLY A 175 10.86 1.99 1.91
C GLY A 175 10.77 3.36 2.56
N THR A 176 9.54 3.73 2.88
CA THR A 176 9.21 5.00 3.53
C THR A 176 9.50 4.83 5.02
N LYS A 177 10.43 5.63 5.53
CA LYS A 177 10.86 5.55 6.92
C LYS A 177 9.74 5.63 7.96
N ARG A 178 8.79 6.54 7.75
CA ARG A 178 7.67 6.71 8.65
C ARG A 178 6.89 5.41 8.88
N TYR A 179 6.73 4.61 7.83
CA TYR A 179 5.97 3.37 7.96
C TYR A 179 6.79 2.13 8.24
N MET A 180 8.11 2.28 8.28
CA MET A 180 8.99 1.16 8.57
C MET A 180 8.59 0.47 9.86
N ALA A 181 8.52 -0.85 9.79
CA ALA A 181 8.16 -1.67 10.94
C ALA A 181 9.31 -1.64 11.95
N PRO A 182 9.01 -1.89 13.24
CA PRO A 182 9.98 -1.92 14.33
C PRO A 182 11.27 -2.67 13.99
N GLU A 183 11.12 -3.90 13.51
CA GLU A 183 12.27 -4.74 13.15
C GLU A 183 13.14 -4.11 12.09
N VAL A 184 12.48 -3.43 11.15
CA VAL A 184 13.17 -2.78 10.05
C VAL A 184 13.96 -1.58 10.54
N LEU A 185 13.36 -0.83 11.46
CA LEU A 185 14.02 0.34 12.02
C LEU A 185 15.29 -0.01 12.79
N ASP A 186 15.20 -0.96 13.73
CA ASP A 186 16.39 -1.32 14.49
C ASP A 186 17.22 -2.34 13.73
N ASP A 187 16.85 -2.59 12.48
CA ASP A 187 17.57 -3.53 11.63
C ASP A 187 17.80 -4.88 12.31
N SER A 188 16.73 -5.45 12.86
CA SER A 188 16.81 -6.75 13.53
C SER A 188 16.00 -7.79 12.76
N ILE A 189 15.41 -7.36 11.66
CA ILE A 189 14.60 -8.24 10.83
C ILE A 189 15.46 -9.22 10.04
N ASN A 190 15.02 -10.49 10.03
CA ASN A 190 15.71 -11.55 9.31
C ASN A 190 15.19 -11.46 7.89
N MET A 191 15.87 -10.70 7.05
CA MET A 191 15.46 -10.53 5.68
C MET A 191 15.65 -11.77 4.83
N LYS A 192 15.72 -12.92 5.48
CA LYS A 192 15.87 -14.17 4.78
C LYS A 192 14.62 -15.03 5.02
N HIS A 193 13.75 -14.56 5.91
CA HIS A 193 12.51 -15.25 6.24
C HIS A 193 11.33 -14.44 5.71
N PHE A 194 10.66 -14.99 4.70
CA PHE A 194 9.53 -14.32 4.06
C PHE A 194 8.46 -13.80 5.00
N GLU A 195 8.10 -14.62 5.99
CA GLU A 195 7.08 -14.23 6.95
C GLU A 195 7.34 -12.88 7.58
N SER A 196 8.62 -12.59 7.83
CA SER A 196 8.99 -11.33 8.43
C SER A 196 8.53 -10.15 7.59
N PHE A 197 8.65 -10.27 6.26
CA PHE A 197 8.23 -9.22 5.35
C PHE A 197 6.71 -8.99 5.45
N LYS A 198 5.93 -10.07 5.43
CA LYS A 198 4.48 -9.98 5.54
C LYS A 198 4.10 -9.34 6.85
N ARG A 199 4.83 -9.69 7.91
CA ARG A 199 4.57 -9.13 9.24
C ARG A 199 4.81 -7.62 9.27
N ALA A 200 5.78 -7.16 8.50
CA ALA A 200 6.11 -5.74 8.39
C ALA A 200 4.98 -5.02 7.63
N ASP A 201 4.41 -5.69 6.62
CA ASP A 201 3.33 -5.08 5.85
C ASP A 201 2.10 -4.83 6.74
N ILE A 202 1.81 -5.78 7.64
CA ILE A 202 0.66 -5.67 8.54
C ILE A 202 0.81 -4.45 9.44
N TYR A 203 1.97 -4.31 10.06
CA TYR A 203 2.21 -3.15 10.92
C TYR A 203 1.89 -1.85 10.16
N ALA A 204 2.44 -1.71 8.97
CA ALA A 204 2.22 -0.51 8.16
C ALA A 204 0.74 -0.37 7.85
N MET A 205 0.07 -1.46 7.49
CA MET A 205 -1.35 -1.39 7.21
C MET A 205 -2.07 -0.86 8.44
N GLY A 206 -1.64 -1.29 9.64
CA GLY A 206 -2.25 -0.80 10.87
C GLY A 206 -2.20 0.73 10.94
N LEU A 207 -1.06 1.33 10.57
CA LEU A 207 -0.91 2.80 10.54
C LEU A 207 -1.90 3.41 9.55
N VAL A 208 -2.09 2.75 8.41
CA VAL A 208 -3.03 3.27 7.43
C VAL A 208 -4.45 3.27 7.99
N PHE A 209 -4.83 2.20 8.69
CA PHE A 209 -6.16 2.07 9.29
C PHE A 209 -6.36 3.19 10.30
N TRP A 210 -5.29 3.62 10.94
CA TRP A 210 -5.40 4.69 11.91
C TRP A 210 -5.79 5.96 11.16
N GLU A 211 -5.09 6.20 10.05
CA GLU A 211 -5.34 7.38 9.22
C GLU A 211 -6.78 7.46 8.77
N ILE A 212 -7.34 6.32 8.37
CA ILE A 212 -8.73 6.30 7.92
C ILE A 212 -9.70 6.59 9.07
N ALA A 213 -9.57 5.81 10.15
CA ALA A 213 -10.43 5.93 11.33
C ALA A 213 -10.50 7.35 11.87
N ARG A 214 -9.34 8.00 11.95
CA ARG A 214 -9.24 9.36 12.43
C ARG A 214 -10.20 10.27 11.68
N ARG A 215 -10.47 9.94 10.42
CA ARG A 215 -11.34 10.76 9.59
C ARG A 215 -12.78 10.29 9.53
N CYS A 216 -13.11 9.28 10.34
CA CYS A 216 -14.47 8.78 10.37
C CYS A 216 -15.31 9.81 11.13
N SER A 217 -16.16 10.52 10.40
CA SER A 217 -17.01 11.53 11.02
C SER A 217 -18.33 10.94 11.51
N ILE A 218 -18.58 11.11 12.80
CA ILE A 218 -19.81 10.62 13.43
C ILE A 218 -20.34 11.74 14.34
N GLY A 219 -21.59 12.12 14.15
CA GLY A 219 -22.14 13.20 14.96
C GLY A 219 -21.34 14.47 14.70
N GLY A 220 -20.80 14.56 13.48
CA GLY A 220 -20.00 15.72 13.11
C GLY A 220 -18.63 15.82 13.78
N ILE A 221 -18.28 14.84 14.61
CA ILE A 221 -16.98 14.88 15.27
C ILE A 221 -15.97 13.97 14.61
N HIS A 222 -14.78 14.52 14.37
CA HIS A 222 -13.68 13.82 13.74
C HIS A 222 -12.44 14.67 13.90
N GLU A 223 -11.26 14.08 13.68
CA GLU A 223 -10.01 14.81 13.78
C GLU A 223 -9.62 15.22 12.37
N ASP A 224 -8.65 16.13 12.25
CA ASP A 224 -8.20 16.55 10.93
C ASP A 224 -7.28 15.46 10.40
N TYR A 225 -6.95 15.50 9.12
CA TYR A 225 -6.06 14.46 8.63
C TYR A 225 -4.64 14.64 9.17
N GLN A 226 -4.02 13.52 9.52
CA GLN A 226 -2.67 13.54 10.00
C GLN A 226 -1.97 12.25 9.55
N LEU A 227 -0.65 12.34 9.38
CA LEU A 227 0.14 11.17 9.01
C LEU A 227 0.50 10.52 10.34
N PRO A 228 0.71 9.19 10.34
CA PRO A 228 1.07 8.51 11.58
C PRO A 228 2.29 9.19 12.21
N TYR A 229 2.31 9.31 13.54
CA TYR A 229 3.42 9.91 14.28
C TYR A 229 3.64 11.39 14.00
N TYR A 230 2.61 12.05 13.50
CA TYR A 230 2.71 13.47 13.18
C TYR A 230 3.08 14.29 14.41
N ASP A 231 2.70 13.78 15.58
CA ASP A 231 2.95 14.43 16.85
C ASP A 231 4.24 13.98 17.52
N LEU A 232 5.08 13.23 16.81
CA LEU A 232 6.34 12.76 17.39
C LEU A 232 7.57 12.92 16.50
N VAL A 233 7.36 13.00 15.18
CA VAL A 233 8.49 13.14 14.27
C VAL A 233 8.31 14.31 13.29
N PRO A 234 9.43 14.76 12.70
CA PRO A 234 9.36 15.87 11.74
C PRO A 234 8.94 15.30 10.39
N SER A 235 8.77 16.17 9.39
CA SER A 235 8.40 15.69 8.06
C SER A 235 9.65 15.05 7.50
N ASP A 236 9.47 14.02 6.67
CA ASP A 236 10.60 13.30 6.08
C ASP A 236 11.52 12.90 7.23
N PRO A 237 11.01 12.08 8.18
CA PRO A 237 11.77 11.61 9.33
C PRO A 237 12.91 10.69 8.89
N SER A 238 14.02 10.75 9.60
CA SER A 238 15.17 9.90 9.30
C SER A 238 14.93 8.59 10.04
N VAL A 239 15.72 7.57 9.72
CA VAL A 239 15.55 6.29 10.38
C VAL A 239 15.73 6.49 11.88
N GLU A 240 16.87 7.09 12.25
CA GLU A 240 17.21 7.34 13.64
C GLU A 240 16.06 7.98 14.43
N GLU A 241 15.39 8.94 13.81
CA GLU A 241 14.28 9.61 14.49
C GLU A 241 13.07 8.71 14.71
N MET A 242 12.81 7.82 13.75
CA MET A 242 11.68 6.91 13.87
C MET A 242 11.99 5.78 14.86
N ARG A 243 13.24 5.34 14.88
CA ARG A 243 13.65 4.25 15.77
C ARG A 243 13.56 4.64 17.25
N LYS A 244 13.90 5.89 17.55
CA LYS A 244 13.85 6.38 18.93
C LYS A 244 12.41 6.46 19.42
N VAL A 245 11.50 6.81 18.53
CA VAL A 245 10.08 6.93 18.89
C VAL A 245 9.39 5.57 18.96
N VAL A 246 9.58 4.77 17.92
CA VAL A 246 8.96 3.47 17.82
C VAL A 246 9.62 2.36 18.65
N CYS A 247 10.95 2.28 18.61
CA CYS A 247 11.65 1.23 19.32
C CYS A 247 12.14 1.50 20.74
N GLU A 248 12.68 2.70 20.99
CA GLU A 248 13.17 3.03 22.32
C GLU A 248 12.07 3.52 23.26
N GLN A 249 11.20 4.38 22.76
CA GLN A 249 10.10 4.91 23.55
C GLN A 249 8.87 4.02 23.43
N LYS A 250 8.96 3.02 22.56
CA LYS A 250 7.87 2.07 22.36
C LYS A 250 6.55 2.79 22.07
N LEU A 251 6.61 3.82 21.22
CA LEU A 251 5.41 4.60 20.90
C LEU A 251 4.73 4.25 19.58
N ARG A 252 3.40 4.36 19.59
CA ARG A 252 2.52 4.08 18.45
C ARG A 252 1.57 5.25 18.32
N PRO A 253 0.88 5.39 17.18
CA PRO A 253 -0.06 6.50 17.03
C PRO A 253 -1.09 6.44 18.16
N ASN A 254 -1.58 7.60 18.58
CA ASN A 254 -2.56 7.67 19.65
C ASN A 254 -3.94 7.18 19.25
N ILE A 255 -4.59 6.45 20.15
CA ILE A 255 -5.92 5.92 19.93
C ILE A 255 -6.96 6.65 20.80
N PRO A 256 -7.77 7.54 20.19
CA PRO A 256 -8.77 8.28 20.95
C PRO A 256 -9.69 7.33 21.72
N ASN A 257 -9.97 7.66 22.96
CA ASN A 257 -10.83 6.83 23.79
C ASN A 257 -12.27 6.88 23.30
N ARG A 258 -12.57 7.88 22.47
CA ARG A 258 -13.91 8.03 21.94
C ARG A 258 -14.21 6.90 20.96
N TRP A 259 -13.15 6.33 20.38
CA TRP A 259 -13.31 5.23 19.42
C TRP A 259 -13.95 3.98 19.99
N GLN A 260 -14.42 4.05 21.23
CA GLN A 260 -15.08 2.90 21.84
C GLN A 260 -16.57 3.15 21.93
N SER A 261 -16.97 4.38 21.67
CA SER A 261 -18.38 4.75 21.69
C SER A 261 -19.03 4.31 20.39
N CYS A 262 -18.28 3.54 19.61
CA CYS A 262 -18.78 3.03 18.33
C CYS A 262 -18.21 1.63 18.09
N GLU A 263 -19.11 0.71 17.80
CA GLU A 263 -18.73 -0.67 17.56
C GLU A 263 -17.62 -0.79 16.52
N ALA A 264 -17.83 -0.18 15.36
CA ALA A 264 -16.86 -0.21 14.26
C ALA A 264 -15.50 0.34 14.64
N LEU A 265 -15.47 1.51 15.27
CA LEU A 265 -14.21 2.10 15.67
C LEU A 265 -13.53 1.25 16.74
N ARG A 266 -14.33 0.49 17.46
CA ARG A 266 -13.81 -0.38 18.51
C ARG A 266 -13.04 -1.50 17.82
N VAL A 267 -13.68 -2.10 16.82
CA VAL A 267 -13.06 -3.18 16.05
C VAL A 267 -11.77 -2.68 15.39
N MET A 268 -11.86 -1.53 14.74
CA MET A 268 -10.69 -0.95 14.07
C MET A 268 -9.55 -0.74 15.06
N ALA A 269 -9.89 -0.16 16.21
CA ALA A 269 -8.89 0.11 17.24
C ALA A 269 -8.23 -1.20 17.65
N LYS A 270 -9.03 -2.24 17.79
CA LYS A 270 -8.51 -3.54 18.19
C LYS A 270 -7.52 -4.06 17.16
N ILE A 271 -7.88 -3.92 15.89
CA ILE A 271 -7.03 -4.38 14.80
C ILE A 271 -5.70 -3.62 14.78
N MET A 272 -5.78 -2.30 14.96
CA MET A 272 -4.56 -1.49 14.96
C MET A 272 -3.59 -1.99 16.01
N ARG A 273 -4.04 -2.07 17.26
CA ARG A 273 -3.20 -2.53 18.36
C ARG A 273 -2.51 -3.83 17.99
N GLU A 274 -3.29 -4.78 17.46
CA GLU A 274 -2.77 -6.08 17.08
C GLU A 274 -1.86 -6.11 15.84
N CYS A 275 -1.64 -4.95 15.23
CA CYS A 275 -0.75 -4.86 14.07
C CYS A 275 0.52 -4.14 14.53
N TRP A 276 0.45 -3.50 15.69
CA TRP A 276 1.54 -2.70 16.20
C TRP A 276 2.52 -3.32 17.21
N TYR A 277 2.36 -4.61 17.49
CA TYR A 277 3.24 -5.32 18.43
C TYR A 277 4.65 -5.24 17.89
N ALA A 278 5.62 -5.08 18.78
CA ALA A 278 7.01 -5.02 18.36
C ALA A 278 7.43 -6.42 17.93
N ASN A 279 6.67 -7.42 18.37
CA ASN A 279 6.92 -8.82 18.04
C ASN A 279 6.04 -9.17 16.84
N GLY A 280 6.66 -9.19 15.66
CA GLY A 280 5.96 -9.48 14.42
C GLY A 280 5.14 -10.76 14.41
N ALA A 281 5.59 -11.77 15.14
CA ALA A 281 4.89 -13.04 15.19
C ALA A 281 3.53 -12.90 15.86
N ALA A 282 3.40 -11.90 16.72
CA ALA A 282 2.16 -11.69 17.43
C ALA A 282 1.10 -10.91 16.64
N ARG A 283 1.50 -10.22 15.58
CA ARG A 283 0.57 -9.45 14.77
C ARG A 283 -0.43 -10.30 14.02
N LEU A 284 -1.58 -9.69 13.70
CA LEU A 284 -2.63 -10.40 12.98
C LEU A 284 -2.18 -10.67 11.55
N THR A 285 -2.91 -11.54 10.87
CA THR A 285 -2.60 -11.86 9.48
C THR A 285 -3.56 -11.02 8.65
N ALA A 286 -3.19 -10.70 7.41
CA ALA A 286 -4.05 -9.91 6.55
C ALA A 286 -5.39 -10.64 6.35
N LEU A 287 -5.31 -11.94 6.11
CA LEU A 287 -6.50 -12.74 5.91
C LEU A 287 -7.44 -12.64 7.12
N ARG A 288 -6.86 -12.77 8.31
CA ARG A 288 -7.62 -12.67 9.56
C ARG A 288 -8.35 -11.33 9.58
N ILE A 289 -7.59 -10.25 9.39
CA ILE A 289 -8.15 -8.89 9.38
C ILE A 289 -9.30 -8.74 8.39
N LYS A 290 -9.17 -9.36 7.22
CA LYS A 290 -10.21 -9.29 6.20
C LYS A 290 -11.48 -9.95 6.74
N LYS A 291 -11.31 -11.11 7.37
CA LYS A 291 -12.41 -11.87 7.95
C LYS A 291 -13.23 -11.12 8.99
N THR A 292 -12.56 -10.49 9.95
CA THR A 292 -13.29 -9.76 10.99
C THR A 292 -13.89 -8.50 10.40
N LEU A 293 -13.19 -7.89 9.44
CA LEU A 293 -13.68 -6.69 8.80
C LEU A 293 -14.87 -7.10 7.94
N SER A 294 -14.78 -8.30 7.38
CA SER A 294 -15.83 -8.85 6.54
C SER A 294 -17.09 -9.08 7.39
N GLN A 295 -16.88 -9.61 8.60
CA GLN A 295 -18.00 -9.87 9.49
C GLN A 295 -18.66 -8.56 9.91
N LEU A 296 -17.83 -7.59 10.32
CA LEU A 296 -18.31 -6.27 10.73
C LEU A 296 -19.03 -5.58 9.59
N SER A 297 -18.64 -5.94 8.37
CA SER A 297 -19.23 -5.38 7.16
C SER A 297 -20.66 -5.85 6.99
N GLN A 298 -20.86 -7.16 7.11
CA GLN A 298 -22.19 -7.75 6.96
C GLN A 298 -23.16 -7.20 7.99
N GLN A 299 -22.69 -6.94 9.20
CA GLN A 299 -23.54 -6.40 10.26
C GLN A 299 -24.02 -4.97 9.98
N GLU A 300 -23.15 -4.14 9.44
CA GLU A 300 -23.48 -2.75 9.14
C GLU A 300 -24.34 -2.63 7.87
N GLY A 301 -24.23 -3.61 6.99
CA GLY A 301 -24.99 -3.58 5.76
C GLY A 301 -24.08 -3.69 4.54
C1 580 B . 0.17 5.40 -9.28
C2 580 B . 1.16 4.44 -9.89
N3 580 B . 2.21 4.20 -9.02
N4 580 B . 1.85 4.98 -7.94
C5 580 B . 0.73 5.67 -8.04
C6 580 B . 2.59 5.14 -6.68
C7 580 B . 1.64 6.12 -5.94
C8 580 B . 0.43 6.48 -6.82
C15 580 B . 1.12 3.78 -11.21
C16 580 B . -1.12 5.96 -9.82
C17 580 B . -2.10 5.10 -10.34
C18 580 B . -3.32 5.59 -10.87
C19 580 B . -3.55 6.98 -10.88
C20 580 B . -2.58 7.87 -10.36
C21 580 B . -1.37 7.36 -9.84
C26 580 B . 0.77 4.45 -12.41
C27 580 B . 0.76 3.71 -13.62
C28 580 B . 1.11 2.34 -13.64
C29 580 B . 1.44 1.73 -12.41
N30 580 B . 1.45 2.43 -11.27
F34 580 B . -4.68 7.45 -11.36
C35 580 B . 1.83 0.29 -12.30
#